data_4Q5O
#
_entry.id   4Q5O
#
_cell.length_a   81.004
_cell.length_b   87.076
_cell.length_c   94.879
_cell.angle_alpha   90.00
_cell.angle_beta   90.00
_cell.angle_gamma   90.00
#
_symmetry.space_group_name_H-M   'P 21 21 21'
#
loop_
_entity.id
_entity.type
_entity.pdbx_description
1 polymer 'Ectoine hydroxylase'
2 non-polymer 'FE (III) ION'
3 non-polymer '2-OXOGLUTARIC ACID'
4 non-polymer '(4S,5S)-5-HYDROXY-2-METHYL-1,4,5,6-TETRAHYDROPYRIMIDINE-4-CARBOXYLIC ACID'
5 water water
#
_entity_poly.entity_id   1
_entity_poly.type   'polypeptide(L)'
_entity_poly.pdbx_seq_one_letter_code
;HHHHHHSEMQDLYPSRQRADAEMRPRLDPVVHSEWTNDAPISARQAAAFDRDGYIVLEDIFSADEVAFLQKAAGNLLADP
AALDADTIVTEPQSNEIRSIFEIHAQSPVMARLAADARLADVARFLLGDEVYIHQSRLNYKPGFKGREFYWHSDFETWHV
EDGMPRMRALSMSVLLAENTPHNGPLMVIPGSHRTYLTCVGETPDDHYLSSLKKQEYGVPDEESLAELAHRHGIVAPTGK
PGTVILFDCNLMHGSNGNITPFPRANAFLVYNAVSNRLEKPFGVEKPRPWFLARRGEPAALRVERGPLVETVPA
;
_entity_poly.pdbx_strand_id   A,B
#
# COMPACT_ATOMS: atom_id res chain seq x y z
N GLN A 10 -29.37 -23.66 -16.56
CA GLN A 10 -28.42 -23.71 -15.45
C GLN A 10 -27.27 -22.69 -15.64
N ASP A 11 -26.01 -23.14 -15.76
CA ASP A 11 -24.82 -22.27 -15.56
C ASP A 11 -24.51 -21.16 -16.61
N LEU A 12 -24.75 -19.90 -16.25
CA LEU A 12 -24.39 -18.76 -17.14
C LEU A 12 -22.96 -18.29 -16.98
N TYR A 13 -22.31 -18.73 -15.92
CA TYR A 13 -20.98 -18.23 -15.56
C TYR A 13 -20.02 -19.34 -15.19
N PRO A 14 -19.67 -20.20 -16.16
CA PRO A 14 -18.75 -21.32 -15.91
C PRO A 14 -17.32 -20.86 -15.60
N SER A 15 -16.75 -21.40 -14.53
CA SER A 15 -15.40 -21.03 -14.15
C SER A 15 -14.69 -22.26 -13.59
N ARG A 16 -13.35 -22.20 -13.52
CA ARG A 16 -12.56 -23.30 -13.01
C ARG A 16 -12.87 -24.61 -13.74
N GLN A 17 -12.98 -24.53 -15.07
CA GLN A 17 -13.27 -25.71 -15.89
C GLN A 17 -12.47 -25.69 -17.19
N ARG A 18 -11.24 -25.17 -17.12
CA ARG A 18 -10.32 -25.14 -18.27
C ARG A 18 -8.95 -24.66 -17.79
N ALA A 19 -7.91 -24.99 -18.53
CA ALA A 19 -6.57 -24.52 -18.17
C ALA A 19 -6.32 -23.15 -18.78
N ASP A 20 -7.29 -22.67 -19.55
CA ASP A 20 -7.23 -21.34 -20.14
C ASP A 20 -8.35 -20.47 -19.60
N ALA A 21 -8.00 -19.34 -19.02
CA ALA A 21 -9.00 -18.42 -18.52
C ALA A 21 -9.58 -17.62 -19.66
N GLU A 22 -10.83 -17.22 -19.52
CA GLU A 22 -11.49 -16.40 -20.51
C GLU A 22 -11.95 -15.12 -19.86
N MET A 23 -12.18 -14.11 -20.68
CA MET A 23 -12.87 -12.91 -20.22
C MET A 23 -14.24 -12.92 -20.88
N ARG A 24 -15.28 -13.30 -20.14
CA ARG A 24 -16.62 -13.47 -20.70
C ARG A 24 -17.52 -12.29 -20.33
N PRO A 25 -18.62 -12.08 -21.08
CA PRO A 25 -19.36 -10.84 -20.83
C PRO A 25 -20.44 -10.97 -19.74
N ARG A 26 -20.74 -9.87 -19.05
CA ARG A 26 -21.76 -9.85 -18.00
C ARG A 26 -23.13 -9.98 -18.61
N LEU A 27 -23.93 -10.92 -18.13
CA LEU A 27 -25.24 -11.15 -18.74
C LEU A 27 -26.39 -10.63 -17.87
N ASP A 28 -26.03 -9.96 -16.78
CA ASP A 28 -27.00 -9.35 -15.87
C ASP A 28 -26.89 -7.82 -15.88
N PRO A 29 -27.94 -7.11 -15.40
CA PRO A 29 -27.81 -5.66 -15.24
C PRO A 29 -26.83 -5.39 -14.11
N VAL A 30 -26.50 -4.12 -13.89
CA VAL A 30 -25.68 -3.77 -12.75
C VAL A 30 -26.59 -3.03 -11.78
N VAL A 31 -27.30 -2.04 -12.30
CA VAL A 31 -28.38 -1.44 -11.55
C VAL A 31 -29.68 -2.09 -12.03
N HIS A 32 -30.35 -2.79 -11.12
CA HIS A 32 -31.60 -3.48 -11.46
C HIS A 32 -32.89 -2.68 -11.33
N SER A 33 -32.80 -1.36 -11.24
CA SER A 33 -34.02 -0.55 -11.16
C SER A 33 -33.96 0.67 -12.03
N GLU A 34 -35.13 1.16 -12.42
CA GLU A 34 -35.25 2.39 -13.18
C GLU A 34 -35.11 3.52 -12.19
N TRP A 35 -34.32 4.53 -12.50
CA TRP A 35 -34.21 5.63 -11.54
C TRP A 35 -35.41 6.59 -11.63
N THR A 36 -35.89 7.02 -10.47
CA THR A 36 -36.87 8.11 -10.40
C THR A 36 -36.50 8.96 -9.19
N ASN A 37 -37.37 9.89 -8.81
CA ASN A 37 -37.10 10.71 -7.62
C ASN A 37 -37.37 9.98 -6.30
N ASP A 38 -37.89 8.75 -6.40
CA ASP A 38 -38.16 7.93 -5.22
C ASP A 38 -36.95 7.12 -4.78
N ALA A 39 -35.94 7.07 -5.64
CA ALA A 39 -34.75 6.27 -5.38
C ALA A 39 -33.93 6.90 -4.28
N PRO A 40 -33.35 6.07 -3.41
CA PRO A 40 -32.56 6.49 -2.26
C PRO A 40 -31.20 7.03 -2.67
N ILE A 41 -30.92 7.08 -3.97
CA ILE A 41 -29.71 7.77 -4.44
C ILE A 41 -30.05 8.69 -5.59
N SER A 42 -29.09 9.54 -5.96
CA SER A 42 -29.31 10.51 -7.03
C SER A 42 -29.17 9.80 -8.36
N ALA A 43 -29.69 10.38 -9.43
CA ALA A 43 -29.52 9.77 -10.76
C ALA A 43 -28.02 9.67 -11.20
N ARG A 44 -27.18 10.63 -10.84
CA ARG A 44 -25.76 10.50 -11.17
C ARG A 44 -25.04 9.40 -10.37
N GLN A 45 -25.32 9.32 -9.07
CA GLN A 45 -24.85 8.18 -8.27
C GLN A 45 -25.21 6.83 -8.89
N ALA A 46 -26.50 6.61 -9.18
CA ALA A 46 -26.94 5.36 -9.82
C ALA A 46 -26.24 5.05 -11.16
N ALA A 47 -26.09 6.08 -11.99
CA ALA A 47 -25.35 5.93 -13.24
C ALA A 47 -23.88 5.60 -12.96
N ALA A 48 -23.33 6.16 -11.88
CA ALA A 48 -21.93 5.94 -11.54
C ALA A 48 -21.67 4.51 -11.04
N PHE A 49 -22.61 3.99 -10.25
CA PHE A 49 -22.54 2.61 -9.84
C PHE A 49 -22.58 1.69 -11.06
N ASP A 50 -23.48 1.98 -12.00
CA ASP A 50 -23.59 1.21 -13.24
C ASP A 50 -22.26 1.13 -13.99
N ARG A 51 -21.69 2.31 -14.22
CA ARG A 51 -20.50 2.51 -15.01
C ARG A 51 -19.22 2.01 -14.30
N ASP A 52 -19.04 2.42 -13.05
CA ASP A 52 -17.79 2.17 -12.31
C ASP A 52 -17.77 0.91 -11.50
N GLY A 53 -18.94 0.42 -11.12
CA GLY A 53 -19.01 -0.77 -10.29
C GLY A 53 -19.04 -0.49 -8.78
N TYR A 54 -18.95 0.78 -8.38
CA TYR A 54 -18.97 1.14 -6.97
C TYR A 54 -19.26 2.62 -6.82
N ILE A 55 -19.78 2.98 -5.64
CA ILE A 55 -19.84 4.38 -5.20
C ILE A 55 -19.55 4.49 -3.70
N VAL A 56 -19.36 5.71 -3.23
CA VAL A 56 -18.95 6.01 -1.86
C VAL A 56 -19.92 7.01 -1.21
N LEU A 57 -20.59 6.59 -0.14
CA LEU A 57 -21.50 7.46 0.59
C LEU A 57 -20.77 8.05 1.79
N GLU A 58 -20.67 9.38 1.86
CA GLU A 58 -20.03 10.01 2.99
C GLU A 58 -21.07 10.69 3.86
N ASP A 59 -20.80 10.80 5.16
CA ASP A 59 -21.65 11.55 6.07
C ASP A 59 -23.11 11.07 6.09
N ILE A 60 -23.35 9.76 6.13
CA ILE A 60 -24.74 9.31 6.22
C ILE A 60 -25.09 9.06 7.68
N PHE A 61 -24.05 8.94 8.49
CA PHE A 61 -24.17 8.68 9.92
C PHE A 61 -23.66 9.87 10.69
N SER A 62 -24.37 10.23 11.74
CA SER A 62 -23.94 11.26 12.66
C SER A 62 -22.69 10.78 13.39
N ALA A 63 -21.94 11.73 13.95
CA ALA A 63 -20.72 11.41 14.71
C ALA A 63 -21.02 10.53 15.92
N ASP A 64 -22.14 10.80 16.58
CA ASP A 64 -22.54 9.99 17.71
C ASP A 64 -22.79 8.57 17.24
N GLU A 65 -23.54 8.44 16.15
CA GLU A 65 -23.85 7.14 15.56
C GLU A 65 -22.57 6.41 15.19
N VAL A 66 -21.62 7.13 14.59
CA VAL A 66 -20.30 6.59 14.27
C VAL A 66 -19.55 6.11 15.52
N ALA A 67 -19.48 6.94 16.55
CA ALA A 67 -18.78 6.54 17.78
C ALA A 67 -19.42 5.31 18.43
N PHE A 68 -20.75 5.24 18.36
CA PHE A 68 -21.52 4.11 18.83
C PHE A 68 -21.13 2.78 18.14
N LEU A 69 -21.08 2.79 16.80
CA LEU A 69 -20.64 1.59 16.03
C LEU A 69 -19.19 1.22 16.35
N GLN A 70 -18.32 2.21 16.39
CA GLN A 70 -16.95 1.98 16.83
C GLN A 70 -16.88 1.33 18.21
N LYS A 71 -17.70 1.79 19.15
CA LYS A 71 -17.63 1.22 20.50
C LYS A 71 -18.14 -0.21 20.52
N ALA A 72 -19.21 -0.48 19.78
CA ALA A 72 -19.77 -1.83 19.74
C ALA A 72 -18.85 -2.83 19.05
N ALA A 73 -18.06 -2.36 18.09
CA ALA A 73 -17.25 -3.29 17.30
C ALA A 73 -15.97 -3.64 18.05
N GLY A 74 -15.47 -2.71 18.84
CA GLY A 74 -14.31 -2.97 19.67
C GLY A 74 -14.69 -3.86 20.82
N ASN A 75 -15.90 -3.66 21.35
CA ASN A 75 -16.52 -4.57 22.30
C ASN A 75 -16.56 -6.02 21.76
N LEU A 76 -17.23 -6.21 20.63
CA LEU A 76 -17.28 -7.53 20.00
C LEU A 76 -15.89 -8.13 19.78
N LEU A 77 -14.99 -7.38 19.16
CA LEU A 77 -13.61 -7.83 18.94
C LEU A 77 -12.84 -8.20 20.22
N ALA A 78 -13.19 -7.60 21.35
CA ALA A 78 -12.50 -7.85 22.61
C ALA A 78 -13.01 -9.10 23.35
N ASP A 79 -14.15 -9.63 22.88
CA ASP A 79 -14.85 -10.68 23.62
C ASP A 79 -15.22 -11.89 22.76
N PRO A 80 -14.23 -12.75 22.49
CA PRO A 80 -14.37 -13.97 21.71
C PRO A 80 -15.02 -15.08 22.52
N ALA A 81 -15.02 -14.92 23.84
CA ALA A 81 -15.65 -15.88 24.72
C ALA A 81 -17.13 -15.89 24.38
N ALA A 82 -17.69 -14.71 24.17
CA ALA A 82 -19.14 -14.59 24.03
C ALA A 82 -19.69 -14.96 22.65
N LEU A 83 -18.81 -15.34 21.73
CA LEU A 83 -19.25 -15.56 20.35
C LEU A 83 -19.02 -16.99 19.91
N ASP A 84 -19.76 -17.40 18.87
CA ASP A 84 -19.56 -18.71 18.25
C ASP A 84 -18.09 -18.89 17.82
N ALA A 85 -17.50 -20.02 18.15
CA ALA A 85 -16.06 -20.24 17.94
C ALA A 85 -15.70 -20.46 16.48
N ASP A 86 -16.65 -20.98 15.70
CA ASP A 86 -16.40 -21.30 14.30
C ASP A 86 -16.34 -20.03 13.45
N THR A 87 -17.08 -19.01 13.88
CA THR A 87 -17.18 -17.78 13.13
C THR A 87 -16.03 -16.84 13.43
N ILE A 88 -14.97 -17.35 14.07
CA ILE A 88 -13.81 -16.55 14.45
C ILE A 88 -12.58 -16.86 13.58
N VAL A 89 -11.79 -15.82 13.29
CA VAL A 89 -10.49 -15.99 12.64
C VAL A 89 -9.44 -15.27 13.46
N THR A 90 -8.28 -15.91 13.66
CA THR A 90 -7.20 -15.32 14.47
C THR A 90 -5.85 -15.33 13.74
N GLU A 91 -4.86 -14.72 14.39
CA GLU A 91 -3.49 -14.66 13.87
C GLU A 91 -2.63 -15.89 14.24
N PRO A 92 -2.25 -16.72 13.25
CA PRO A 92 -1.46 -17.94 13.45
C PRO A 92 -0.09 -17.73 14.13
N GLN A 93 -0.11 -17.19 15.34
CA GLN A 93 1.08 -16.94 16.15
C GLN A 93 0.61 -16.31 17.45
N SER A 94 -0.64 -15.91 17.46
CA SER A 94 -1.25 -15.30 18.63
C SER A 94 -2.75 -15.54 18.65
N ASN A 95 -3.44 -15.00 19.65
CA ASN A 95 -4.88 -15.20 19.75
C ASN A 95 -5.64 -13.92 19.53
N GLU A 96 -5.06 -13.06 18.70
CA GLU A 96 -5.70 -11.82 18.32
C GLU A 96 -6.74 -12.11 17.24
N ILE A 97 -7.97 -11.69 17.48
CA ILE A 97 -9.02 -11.83 16.49
C ILE A 97 -8.69 -11.03 15.26
N ARG A 98 -9.14 -11.51 14.12
CA ARG A 98 -8.98 -10.75 12.91
C ARG A 98 -10.34 -10.61 12.23
N SER A 99 -11.22 -11.55 12.49
CA SER A 99 -12.53 -11.52 11.87
C SER A 99 -13.57 -12.23 12.71
N ILE A 100 -14.80 -11.76 12.60
CA ILE A 100 -15.93 -12.48 13.14
C ILE A 100 -16.98 -12.54 12.02
N PHE A 101 -17.37 -13.74 11.60
CA PHE A 101 -18.40 -13.87 10.57
C PHE A 101 -19.77 -13.82 11.22
N GLU A 102 -20.82 -13.75 10.42
CA GLU A 102 -22.20 -13.71 10.93
C GLU A 102 -22.40 -12.72 12.08
N ILE A 103 -21.84 -11.52 11.95
CA ILE A 103 -22.04 -10.49 12.97
C ILE A 103 -23.39 -9.85 12.78
N HIS A 104 -23.99 -10.04 11.60
CA HIS A 104 -25.31 -9.49 11.33
C HIS A 104 -26.33 -10.29 12.13
N ALA A 105 -25.84 -11.42 12.65
CA ALA A 105 -26.61 -12.35 13.46
C ALA A 105 -26.19 -12.27 14.94
N GLN A 106 -24.90 -12.47 15.19
CA GLN A 106 -24.33 -12.48 16.53
C GLN A 106 -24.36 -11.13 17.27
N SER A 107 -24.52 -10.02 16.55
CA SER A 107 -24.61 -8.72 17.23
C SER A 107 -25.87 -7.96 16.86
N PRO A 108 -26.64 -7.59 17.88
CA PRO A 108 -27.89 -6.85 17.68
C PRO A 108 -27.60 -5.49 17.06
N VAL A 109 -26.45 -4.90 17.39
CA VAL A 109 -26.09 -3.60 16.82
C VAL A 109 -25.83 -3.72 15.33
N MET A 110 -24.95 -4.65 14.97
CA MET A 110 -24.66 -4.96 13.58
C MET A 110 -25.89 -5.44 12.82
N ALA A 111 -26.80 -6.13 13.52
CA ALA A 111 -28.06 -6.52 12.91
C ALA A 111 -28.93 -5.30 12.66
N ARG A 112 -28.66 -4.22 13.37
CA ARG A 112 -29.49 -3.03 13.19
C ARG A 112 -28.85 -2.10 12.16
N LEU A 113 -27.54 -2.19 12.06
CA LEU A 113 -26.81 -1.48 11.02
C LEU A 113 -27.20 -2.03 9.65
N ALA A 114 -27.22 -3.35 9.52
CA ALA A 114 -27.53 -3.98 8.25
C ALA A 114 -28.99 -3.79 7.83
N ALA A 115 -29.87 -3.51 8.78
CA ALA A 115 -31.27 -3.32 8.45
C ALA A 115 -31.62 -1.82 8.31
N ASP A 116 -30.66 -0.96 8.62
CA ASP A 116 -30.90 0.48 8.52
C ASP A 116 -31.23 0.91 7.10
N ALA A 117 -32.21 1.79 6.97
CA ALA A 117 -32.71 2.21 5.65
C ALA A 117 -31.62 2.86 4.82
N ARG A 118 -30.73 3.57 5.49
CA ARG A 118 -29.66 4.27 4.80
C ARG A 118 -28.71 3.31 4.06
N LEU A 119 -28.72 2.04 4.47
CA LEU A 119 -27.97 0.99 3.79
C LEU A 119 -28.85 0.02 2.97
N ALA A 120 -29.90 -0.51 3.58
CA ALA A 120 -30.71 -1.54 2.93
C ALA A 120 -31.54 -1.02 1.78
N ASP A 121 -32.03 0.22 1.87
CA ASP A 121 -32.83 0.77 0.79
C ASP A 121 -32.02 1.00 -0.47
N VAL A 122 -30.73 1.23 -0.32
CA VAL A 122 -29.90 1.45 -1.47
C VAL A 122 -29.64 0.12 -2.19
N ALA A 123 -29.38 -0.92 -1.41
CA ALA A 123 -29.28 -2.27 -1.96
C ALA A 123 -30.59 -2.67 -2.65
N ARG A 124 -31.73 -2.34 -2.02
CA ARG A 124 -33.03 -2.76 -2.56
C ARG A 124 -33.27 -2.08 -3.89
N PHE A 125 -32.89 -0.82 -3.99
CA PHE A 125 -32.98 -0.11 -5.26
C PHE A 125 -32.02 -0.69 -6.29
N LEU A 126 -30.72 -0.67 -5.94
CA LEU A 126 -29.67 -1.18 -6.84
C LEU A 126 -29.88 -2.63 -7.27
N LEU A 127 -30.39 -3.46 -6.36
CA LEU A 127 -30.63 -4.86 -6.69
C LEU A 127 -32.05 -5.12 -7.19
N GLY A 128 -32.93 -4.13 -7.04
CA GLY A 128 -34.29 -4.24 -7.53
C GLY A 128 -35.03 -5.48 -7.05
N ASP A 129 -35.03 -5.66 -5.73
CA ASP A 129 -35.71 -6.78 -5.13
C ASP A 129 -35.53 -6.63 -3.64
N GLU A 130 -36.23 -7.44 -2.88
CA GLU A 130 -35.98 -7.47 -1.46
C GLU A 130 -34.62 -8.14 -1.29
N VAL A 131 -33.92 -7.82 -0.22
CA VAL A 131 -32.56 -8.32 -0.01
C VAL A 131 -32.46 -9.06 1.31
N TYR A 132 -31.27 -9.59 1.58
CA TYR A 132 -30.94 -10.23 2.84
C TYR A 132 -29.42 -10.37 2.91
N ILE A 133 -28.90 -10.66 4.09
CA ILE A 133 -27.46 -10.83 4.22
C ILE A 133 -27.01 -12.22 3.80
N HIS A 134 -26.19 -12.25 2.76
CA HIS A 134 -25.55 -13.47 2.26
C HIS A 134 -24.37 -13.84 3.16
N GLN A 135 -23.72 -12.81 3.69
CA GLN A 135 -22.50 -12.91 4.49
C GLN A 135 -22.27 -11.56 5.13
N SER A 136 -21.90 -11.54 6.39
CA SER A 136 -21.45 -10.31 6.99
C SER A 136 -20.13 -10.62 7.69
N ARG A 137 -19.37 -9.59 8.03
CA ARG A 137 -18.08 -9.79 8.69
C ARG A 137 -17.76 -8.55 9.50
N LEU A 138 -16.99 -8.70 10.59
CA LEU A 138 -16.32 -7.56 11.21
C LEU A 138 -14.83 -7.83 11.19
N ASN A 139 -14.06 -6.87 10.66
CA ASN A 139 -12.62 -7.03 10.40
C ASN A 139 -11.75 -6.06 11.17
N TYR A 140 -10.79 -6.59 11.90
CA TYR A 140 -9.74 -5.77 12.46
C TYR A 140 -8.40 -6.16 11.79
N LYS A 141 -7.81 -5.26 11.00
CA LYS A 141 -6.48 -5.52 10.46
C LYS A 141 -5.46 -4.55 11.09
N PRO A 142 -4.58 -5.07 11.97
CA PRO A 142 -3.71 -4.19 12.76
C PRO A 142 -2.66 -3.57 11.87
N GLY A 143 -2.01 -2.52 12.35
CA GLY A 143 -0.95 -1.89 11.60
C GLY A 143 0.33 -2.67 11.73
N PHE A 144 1.39 -2.21 11.04
CA PHE A 144 2.74 -2.75 11.13
C PHE A 144 2.93 -4.07 10.38
N LYS A 145 1.99 -4.97 10.55
CA LYS A 145 2.15 -6.33 10.04
C LYS A 145 0.93 -6.72 9.21
N GLY A 146 0.15 -5.74 8.79
CA GLY A 146 -1.02 -6.03 7.98
C GLY A 146 -0.69 -6.79 6.71
N ARG A 147 -1.46 -7.84 6.42
CA ARG A 147 -1.20 -8.67 5.25
C ARG A 147 -1.92 -8.20 3.99
N GLU A 148 -1.32 -8.53 2.85
CA GLU A 148 -1.92 -8.24 1.57
C GLU A 148 -3.22 -9.02 1.40
N PHE A 149 -4.02 -8.65 0.42
CA PHE A 149 -5.10 -9.52 0.01
C PHE A 149 -5.37 -9.43 -1.49
N TYR A 150 -4.84 -10.40 -2.22
CA TYR A 150 -4.77 -10.40 -3.69
C TYR A 150 -6.10 -10.18 -4.40
N TRP A 151 -5.99 -9.84 -5.69
CA TRP A 151 -7.12 -9.57 -6.57
C TRP A 151 -8.10 -10.73 -6.72
N HIS A 152 -9.40 -10.40 -6.76
CA HIS A 152 -10.44 -11.41 -6.88
C HIS A 152 -11.84 -10.76 -6.99
N SER A 153 -12.73 -11.45 -7.70
CA SER A 153 -14.14 -11.10 -7.74
C SER A 153 -14.95 -11.96 -6.76
N ASP A 154 -15.58 -11.31 -5.76
CA ASP A 154 -16.44 -12.02 -4.80
C ASP A 154 -17.37 -13.00 -5.50
N PHE A 155 -18.09 -12.51 -6.51
CA PHE A 155 -19.05 -13.34 -7.24
C PHE A 155 -18.45 -14.60 -7.84
N GLU A 156 -17.15 -14.63 -8.07
CA GLU A 156 -16.62 -15.80 -8.73
C GLU A 156 -16.59 -16.97 -7.75
N THR A 157 -16.25 -16.69 -6.49
CA THR A 157 -16.22 -17.70 -5.45
C THR A 157 -17.65 -18.01 -4.98
N TRP A 158 -18.49 -17.00 -4.95
CA TRP A 158 -19.87 -17.18 -4.52
C TRP A 158 -20.66 -18.01 -5.53
N HIS A 159 -20.28 -17.91 -6.80
CA HIS A 159 -20.89 -18.72 -7.87
C HIS A 159 -20.39 -20.17 -7.83
N VAL A 160 -19.10 -20.37 -7.99
CA VAL A 160 -18.50 -21.70 -8.04
C VAL A 160 -18.63 -22.47 -6.70
N GLU A 161 -18.40 -21.78 -5.58
CA GLU A 161 -18.36 -22.42 -4.26
C GLU A 161 -19.66 -22.37 -3.44
N ASP A 162 -20.51 -21.36 -3.65
CA ASP A 162 -21.72 -21.18 -2.83
C ASP A 162 -23.03 -21.43 -3.57
N GLY A 163 -23.02 -21.29 -4.89
CA GLY A 163 -24.21 -21.49 -5.69
C GLY A 163 -24.98 -20.21 -5.98
N MET A 164 -24.30 -19.08 -5.86
CA MET A 164 -24.92 -17.82 -6.26
C MET A 164 -25.00 -17.81 -7.78
N PRO A 165 -26.22 -17.82 -8.32
CA PRO A 165 -26.48 -18.03 -9.75
C PRO A 165 -26.35 -16.80 -10.67
N ARG A 166 -26.74 -15.63 -10.19
CA ARG A 166 -26.81 -14.46 -11.03
C ARG A 166 -25.98 -13.34 -10.40
N MET A 167 -25.48 -12.41 -11.19
CA MET A 167 -24.83 -11.25 -10.58
C MET A 167 -25.89 -10.29 -10.08
N ARG A 168 -26.41 -10.55 -8.87
CA ARG A 168 -27.47 -9.74 -8.29
C ARG A 168 -27.17 -9.42 -6.81
N ALA A 169 -25.89 -9.21 -6.50
CA ALA A 169 -25.49 -8.88 -5.12
C ALA A 169 -24.50 -7.73 -5.05
N LEU A 170 -24.45 -7.06 -3.89
CA LEU A 170 -23.45 -6.04 -3.68
C LEU A 170 -22.86 -6.12 -2.28
N SER A 171 -21.66 -5.56 -2.13
CA SER A 171 -20.99 -5.51 -0.84
C SER A 171 -20.89 -4.07 -0.35
N MET A 172 -21.02 -3.91 0.97
CA MET A 172 -20.93 -2.62 1.64
C MET A 172 -19.86 -2.72 2.69
N SER A 173 -18.85 -1.87 2.57
CA SER A 173 -17.83 -1.81 3.59
C SER A 173 -18.04 -0.53 4.39
N VAL A 174 -18.27 -0.68 5.68
CA VAL A 174 -18.47 0.50 6.52
C VAL A 174 -17.21 0.73 7.29
N LEU A 175 -16.53 1.83 6.97
CA LEU A 175 -15.22 2.08 7.56
C LEU A 175 -15.36 2.38 9.02
N LEU A 176 -14.69 1.60 9.86
CA LEU A 176 -14.64 1.88 11.29
C LEU A 176 -13.32 2.53 11.75
N ALA A 177 -12.25 2.38 10.99
CA ALA A 177 -11.04 3.20 11.20
C ALA A 177 -10.75 3.98 9.93
N GLU A 178 -9.96 5.05 10.06
CA GLU A 178 -9.57 5.85 8.90
C GLU A 178 -8.77 5.01 7.89
N ASN A 179 -9.13 5.09 6.59
CA ASN A 179 -8.29 4.56 5.49
C ASN A 179 -7.63 5.71 4.73
N THR A 180 -6.34 5.95 4.97
CA THR A 180 -5.59 6.96 4.23
C THR A 180 -5.06 6.24 3.00
N PRO A 181 -4.42 6.95 2.05
CA PRO A 181 -3.82 6.17 0.94
C PRO A 181 -2.74 5.20 1.44
N HIS A 182 -2.27 5.41 2.67
CA HIS A 182 -1.09 4.71 3.19
C HIS A 182 -1.29 3.37 3.91
N ASN A 183 -2.45 3.12 4.51
CA ASN A 183 -2.60 1.92 5.31
C ASN A 183 -3.29 0.74 4.60
N GLY A 184 -2.98 0.55 3.33
CA GLY A 184 -3.51 -0.55 2.56
C GLY A 184 -5.00 -0.52 2.37
N PRO A 185 -5.52 0.59 1.82
CA PRO A 185 -6.97 0.66 1.66
C PRO A 185 -7.45 -0.23 0.51
N LEU A 186 -8.69 -0.70 0.58
CA LEU A 186 -9.26 -1.51 -0.48
C LEU A 186 -9.06 -0.83 -1.84
N MET A 187 -8.64 -1.60 -2.85
CA MET A 187 -8.41 -1.11 -4.21
C MET A 187 -9.38 -1.77 -5.17
N VAL A 188 -9.91 -0.99 -6.12
CA VAL A 188 -10.83 -1.56 -7.08
C VAL A 188 -10.35 -1.20 -8.48
N ILE A 189 -10.75 -1.99 -9.46
CA ILE A 189 -10.53 -1.72 -10.88
C ILE A 189 -11.88 -1.36 -11.49
N PRO A 190 -12.18 -0.06 -11.61
CA PRO A 190 -13.53 0.37 -11.99
C PRO A 190 -13.89 -0.06 -13.41
N GLY A 191 -15.09 -0.61 -13.58
CA GLY A 191 -15.51 -1.08 -14.89
C GLY A 191 -15.30 -2.56 -15.11
N SER A 192 -14.53 -3.20 -14.22
CA SER A 192 -14.20 -4.62 -14.37
C SER A 192 -15.37 -5.51 -13.95
N HIS A 193 -16.43 -4.92 -13.44
CA HIS A 193 -17.61 -5.69 -13.03
C HIS A 193 -18.45 -6.10 -14.23
N ARG A 194 -18.14 -5.54 -15.38
CA ARG A 194 -18.82 -5.93 -16.60
C ARG A 194 -18.09 -7.02 -17.35
N THR A 195 -16.99 -7.48 -16.80
CA THR A 195 -16.20 -8.57 -17.37
C THR A 195 -16.12 -9.71 -16.37
N TYR A 196 -16.48 -10.92 -16.79
CA TYR A 196 -16.34 -12.11 -15.95
C TYR A 196 -15.07 -12.82 -16.28
N LEU A 197 -14.07 -12.66 -15.41
CA LEU A 197 -12.79 -13.29 -15.59
C LEU A 197 -12.82 -14.72 -15.03
N THR A 198 -12.81 -15.73 -15.90
CA THR A 198 -12.81 -17.11 -15.45
C THR A 198 -11.46 -17.53 -14.88
N CYS A 199 -11.46 -18.67 -14.19
CA CYS A 199 -10.26 -19.29 -13.66
C CYS A 199 -10.26 -20.78 -14.00
N GLY A 218 -8.50 -21.00 -7.97
CA GLY A 218 -9.57 -20.00 -7.90
C GLY A 218 -9.09 -18.56 -7.95
N VAL A 219 -7.83 -18.37 -8.32
CA VAL A 219 -7.22 -17.04 -8.37
C VAL A 219 -7.14 -16.54 -9.80
N PRO A 220 -7.63 -15.30 -10.06
CA PRO A 220 -7.52 -14.71 -11.40
C PRO A 220 -6.06 -14.60 -11.86
N ASP A 221 -5.77 -14.89 -13.12
CA ASP A 221 -4.40 -14.86 -13.63
C ASP A 221 -3.84 -13.45 -13.83
N GLU A 222 -2.53 -13.33 -13.92
CA GLU A 222 -1.87 -12.02 -13.99
C GLU A 222 -2.14 -11.25 -15.30
N GLU A 223 -2.04 -11.92 -16.44
CA GLU A 223 -2.16 -11.22 -17.72
C GLU A 223 -3.53 -10.59 -17.86
N SER A 224 -4.56 -11.30 -17.41
CA SER A 224 -5.92 -10.76 -17.45
C SER A 224 -6.00 -9.54 -16.54
N LEU A 225 -5.51 -9.68 -15.31
CA LEU A 225 -5.57 -8.60 -14.33
C LEU A 225 -4.87 -7.35 -14.88
N ALA A 226 -3.73 -7.56 -15.52
CA ALA A 226 -2.98 -6.48 -16.16
C ALA A 226 -3.81 -5.80 -17.26
N GLU A 227 -4.45 -6.61 -18.10
CA GLU A 227 -5.33 -6.09 -19.15
C GLU A 227 -6.41 -5.17 -18.55
N LEU A 228 -7.15 -5.65 -17.56
CA LEU A 228 -8.18 -4.84 -16.89
C LEU A 228 -7.62 -3.55 -16.31
N ALA A 229 -6.51 -3.65 -15.58
CA ALA A 229 -5.87 -2.48 -14.98
C ALA A 229 -5.34 -1.51 -16.03
N HIS A 230 -4.87 -2.02 -17.16
CA HIS A 230 -4.34 -1.11 -18.17
C HIS A 230 -5.45 -0.30 -18.84
N ARG A 231 -6.64 -0.87 -18.93
CA ARG A 231 -7.72 -0.23 -19.67
C ARG A 231 -8.67 0.54 -18.74
N HIS A 232 -8.62 0.24 -17.44
CA HIS A 232 -9.51 0.89 -16.47
C HIS A 232 -8.75 1.67 -15.39
N GLY A 233 -7.48 1.33 -15.18
CA GLY A 233 -6.70 1.96 -14.12
C GLY A 233 -7.15 1.49 -12.74
N ILE A 234 -6.54 2.00 -11.67
CA ILE A 234 -6.90 1.59 -10.30
C ILE A 234 -7.27 2.74 -9.39
N VAL A 235 -8.35 2.58 -8.65
CA VAL A 235 -8.83 3.60 -7.73
C VAL A 235 -8.86 2.99 -6.34
N ALA A 236 -8.63 3.79 -5.30
CA ALA A 236 -8.65 3.31 -3.91
C ALA A 236 -9.41 4.27 -2.98
N PRO A 237 -10.73 4.14 -2.94
CA PRO A 237 -11.63 4.93 -2.08
C PRO A 237 -11.21 5.01 -0.62
N THR A 238 -10.93 6.22 -0.16
CA THR A 238 -10.56 6.49 1.22
C THR A 238 -11.71 7.22 1.92
N GLY A 239 -11.58 7.48 3.22
CA GLY A 239 -12.69 8.05 3.99
C GLY A 239 -12.55 8.03 5.50
N LYS A 240 -13.12 9.02 6.16
CA LYS A 240 -13.18 9.03 7.63
C LYS A 240 -14.13 7.92 8.07
N PRO A 241 -13.99 7.46 9.33
CA PRO A 241 -14.90 6.39 9.76
C PRO A 241 -16.37 6.78 9.60
N GLY A 242 -17.17 5.78 9.24
CA GLY A 242 -18.59 5.99 8.99
C GLY A 242 -18.87 6.06 7.51
N THR A 243 -17.83 6.30 6.72
CA THR A 243 -17.92 6.26 5.26
C THR A 243 -18.31 4.87 4.82
N VAL A 244 -19.14 4.76 3.79
CA VAL A 244 -19.54 3.46 3.27
C VAL A 244 -19.11 3.31 1.82
N ILE A 245 -18.47 2.17 1.52
CA ILE A 245 -18.08 1.84 0.16
C ILE A 245 -18.96 0.72 -0.39
N LEU A 246 -19.80 0.99 -1.39
CA LEU A 246 -20.66 -0.06 -1.99
C LEU A 246 -20.07 -0.58 -3.28
N PHE A 247 -19.99 -1.90 -3.44
CA PHE A 247 -19.50 -2.45 -4.71
C PHE A 247 -20.18 -3.70 -5.26
N ASP A 248 -20.38 -3.69 -6.57
CA ASP A 248 -20.95 -4.83 -7.26
C ASP A 248 -20.17 -6.11 -6.98
N CYS A 249 -20.91 -7.22 -6.84
CA CYS A 249 -20.35 -8.49 -6.42
C CYS A 249 -19.23 -8.96 -7.34
N ASN A 250 -19.35 -8.63 -8.62
CA ASN A 250 -18.31 -9.01 -9.57
C ASN A 250 -17.22 -7.95 -9.81
N LEU A 251 -17.11 -6.93 -8.95
CA LEU A 251 -16.05 -5.93 -9.16
C LEU A 251 -14.68 -6.44 -8.71
N MET A 252 -13.69 -6.41 -9.61
CA MET A 252 -12.35 -6.90 -9.26
C MET A 252 -11.71 -6.01 -8.17
N HIS A 253 -11.36 -6.60 -7.04
CA HIS A 253 -10.73 -5.85 -5.94
C HIS A 253 -9.60 -6.59 -5.20
N GLY A 254 -9.01 -5.92 -4.22
CA GLY A 254 -7.84 -6.41 -3.52
C GLY A 254 -7.23 -5.30 -2.67
N SER A 255 -6.21 -5.60 -1.88
CA SER A 255 -5.55 -4.54 -1.12
C SER A 255 -4.07 -4.85 -0.90
N ASN A 256 -3.27 -3.81 -0.72
CA ASN A 256 -1.89 -3.99 -0.37
C ASN A 256 -1.71 -4.19 1.14
N GLY A 257 -0.48 -4.48 1.54
CA GLY A 257 -0.17 -4.66 2.94
C GLY A 257 -0.23 -3.35 3.69
N ASN A 258 -0.08 -3.41 5.01
CA ASN A 258 -0.13 -2.22 5.84
C ASN A 258 0.97 -2.21 6.90
N ILE A 259 2.08 -1.54 6.60
CA ILE A 259 3.15 -1.39 7.59
C ILE A 259 2.93 -0.19 8.53
N THR A 260 2.01 0.70 8.16
CA THR A 260 1.79 1.90 8.97
C THR A 260 1.31 1.51 10.35
N PRO A 261 1.43 2.42 11.33
CA PRO A 261 0.87 2.16 12.66
C PRO A 261 -0.66 2.32 12.74
N PHE A 262 -1.35 2.42 11.61
CA PHE A 262 -2.76 2.74 11.63
C PHE A 262 -3.59 1.54 11.18
N PRO A 263 -4.35 0.94 12.11
CA PRO A 263 -5.12 -0.28 11.85
C PRO A 263 -6.17 -0.03 10.78
N ARG A 264 -6.56 -1.11 10.11
CA ARG A 264 -7.71 -1.09 9.23
C ARG A 264 -8.83 -1.78 10.03
N ALA A 265 -10.04 -1.20 10.00
CA ALA A 265 -11.20 -1.83 10.61
C ALA A 265 -12.48 -1.47 9.87
N ASN A 266 -13.34 -2.46 9.63
CA ASN A 266 -14.55 -2.23 8.86
C ASN A 266 -15.64 -3.26 9.11
N ALA A 267 -16.89 -2.86 8.90
CA ALA A 267 -18.00 -3.80 8.91
C ALA A 267 -18.38 -4.14 7.46
N PHE A 268 -18.22 -5.41 7.09
CA PHE A 268 -18.51 -5.82 5.72
C PHE A 268 -19.88 -6.52 5.61
N LEU A 269 -20.71 -6.07 4.69
CA LEU A 269 -22.11 -6.54 4.57
C LEU A 269 -22.52 -6.87 3.14
N VAL A 270 -22.77 -8.15 2.86
CA VAL A 270 -23.14 -8.57 1.54
C VAL A 270 -24.66 -8.71 1.38
N TYR A 271 -25.27 -7.84 0.57
CA TYR A 271 -26.68 -7.94 0.28
C TYR A 271 -26.93 -8.73 -1.00
N ASN A 272 -27.75 -9.77 -0.90
CA ASN A 272 -28.16 -10.55 -2.07
C ASN A 272 -29.67 -10.36 -2.23
N ALA A 273 -30.15 -10.22 -3.45
CA ALA A 273 -31.58 -10.12 -3.67
C ALA A 273 -32.20 -11.50 -3.40
N VAL A 274 -33.40 -11.52 -2.80
CA VAL A 274 -34.04 -12.79 -2.48
C VAL A 274 -34.28 -13.64 -3.72
N SER A 275 -34.56 -12.99 -4.85
CA SER A 275 -34.75 -13.67 -6.13
C SER A 275 -33.55 -14.53 -6.50
N ASN A 276 -32.41 -14.24 -5.88
CA ASN A 276 -31.13 -14.76 -6.34
C ASN A 276 -30.51 -15.70 -5.30
N ARG A 277 -31.38 -16.29 -4.47
CA ARG A 277 -30.94 -17.18 -3.40
C ARG A 277 -30.06 -18.31 -3.91
N LEU A 278 -29.22 -18.83 -3.03
CA LEU A 278 -28.20 -19.79 -3.42
C LEU A 278 -28.81 -21.12 -3.86
N GLU A 279 -28.47 -21.54 -5.06
CA GLU A 279 -28.70 -22.90 -5.51
C GLU A 279 -27.48 -23.71 -5.07
N LYS A 280 -27.28 -24.89 -5.66
CA LYS A 280 -26.10 -25.71 -5.35
C LYS A 280 -24.89 -25.16 -6.09
N PRO A 281 -23.69 -25.42 -5.57
CA PRO A 281 -22.48 -24.85 -6.20
C PRO A 281 -22.30 -25.21 -7.68
N PHE A 282 -21.77 -24.27 -8.46
CA PHE A 282 -21.46 -24.51 -9.87
C PHE A 282 -20.00 -24.92 -9.99
N GLY A 283 -19.59 -25.74 -9.04
CA GLY A 283 -18.29 -26.37 -9.09
C GLY A 283 -18.46 -27.64 -8.31
N VAL A 284 -17.38 -28.25 -7.87
CA VAL A 284 -17.52 -29.37 -6.95
C VAL A 284 -17.52 -28.90 -5.47
N GLU A 285 -16.56 -29.36 -4.68
CA GLU A 285 -16.46 -29.06 -3.23
C GLU A 285 -17.72 -28.61 -2.46
N LYS A 286 -18.89 -29.09 -2.87
CA LYS A 286 -20.13 -28.73 -2.20
C LYS A 286 -20.16 -29.22 -0.75
N PRO A 287 -20.45 -28.34 0.20
CA PRO A 287 -20.66 -26.92 -0.06
C PRO A 287 -19.68 -26.16 0.79
N ARG A 288 -20.14 -25.08 1.40
CA ARG A 288 -19.28 -24.18 2.17
C ARG A 288 -19.94 -23.88 3.52
N PRO A 289 -19.13 -23.72 4.58
CA PRO A 289 -19.63 -23.52 5.96
C PRO A 289 -20.70 -22.44 6.11
N TRP A 290 -21.65 -22.68 7.01
CA TRP A 290 -22.84 -21.84 7.15
C TRP A 290 -22.56 -20.36 7.26
N PHE A 291 -21.47 -20.01 7.93
CA PHE A 291 -21.21 -18.62 8.27
C PHE A 291 -20.57 -17.83 7.11
N LEU A 292 -20.23 -18.53 6.03
CA LEU A 292 -19.69 -17.87 4.84
C LEU A 292 -20.75 -17.57 3.77
N ALA A 293 -21.86 -18.29 3.79
CA ALA A 293 -22.93 -18.08 2.84
C ALA A 293 -24.25 -18.63 3.37
N ARG A 294 -25.23 -17.74 3.52
CA ARG A 294 -26.56 -18.09 3.99
C ARG A 294 -27.36 -18.87 2.93
N ARG A 295 -27.49 -20.18 3.15
CA ARG A 295 -28.49 -21.01 2.48
C ARG A 295 -29.73 -21.01 3.38
N GLY A 296 -30.91 -21.30 2.85
CA GLY A 296 -31.11 -21.66 1.47
C GLY A 296 -32.34 -20.92 0.97
N GLU A 297 -33.39 -20.88 1.79
CA GLU A 297 -34.57 -20.08 1.46
C GLU A 297 -34.75 -18.97 2.47
N PRO A 298 -33.96 -17.88 2.33
CA PRO A 298 -33.96 -16.81 3.32
C PRO A 298 -35.20 -15.96 3.20
N ALA A 299 -35.59 -15.33 4.29
CA ALA A 299 -36.66 -14.34 4.28
C ALA A 299 -36.03 -13.00 3.88
N ALA A 300 -36.88 -12.04 3.51
CA ALA A 300 -36.40 -10.69 3.21
C ALA A 300 -35.97 -9.97 4.49
N LEU A 301 -35.22 -8.88 4.35
CA LEU A 301 -34.80 -8.10 5.51
C LEU A 301 -35.91 -7.13 5.81
N ARG A 302 -35.99 -6.69 7.06
CA ARG A 302 -36.97 -5.68 7.42
C ARG A 302 -36.25 -4.36 7.69
N VAL A 303 -36.42 -3.42 6.75
CA VAL A 303 -35.80 -2.10 6.84
C VAL A 303 -36.15 -1.42 8.17
N GLU A 304 -35.22 -0.64 8.70
CA GLU A 304 -35.37 0.02 9.98
C GLU A 304 -34.99 1.48 9.82
N ARG A 305 -35.94 2.39 9.99
CA ARG A 305 -35.62 3.81 9.91
C ARG A 305 -35.32 4.34 11.32
N GLY A 306 -34.72 5.51 11.41
CA GLY A 306 -34.38 6.07 12.71
C GLY A 306 -32.91 5.96 13.07
N PRO A 307 -32.46 6.78 14.05
CA PRO A 307 -31.08 6.76 14.56
C PRO A 307 -30.70 5.45 15.23
N LEU A 308 -29.40 5.24 15.40
CA LEU A 308 -28.89 4.09 16.12
C LEU A 308 -28.72 4.38 17.62
N VAL A 309 -29.13 5.59 18.03
CA VAL A 309 -29.28 5.96 19.44
C VAL A 309 -29.96 7.32 19.54
N GLN B 10 33.60 8.97 21.08
CA GLN B 10 33.72 8.79 19.65
C GLN B 10 32.42 8.26 19.08
N ASP B 11 31.59 7.60 19.89
CA ASP B 11 30.26 7.20 19.40
C ASP B 11 29.13 8.11 19.89
N LEU B 12 28.77 9.06 19.01
CA LEU B 12 27.73 10.04 19.28
C LEU B 12 26.33 9.42 19.16
N TYR B 13 26.25 8.33 18.41
CA TYR B 13 24.96 7.69 18.19
C TYR B 13 24.94 6.21 18.51
N PRO B 14 25.11 5.86 19.80
CA PRO B 14 25.07 4.43 20.17
C PRO B 14 23.68 3.79 19.96
N SER B 15 23.64 2.61 19.34
CA SER B 15 22.39 1.84 19.20
C SER B 15 22.65 0.33 19.40
N ARG B 16 21.58 -0.44 19.64
CA ARG B 16 21.68 -1.91 19.74
C ARG B 16 22.63 -2.33 20.86
N GLN B 17 22.60 -1.61 21.97
CA GLN B 17 23.50 -1.86 23.10
C GLN B 17 22.69 -1.98 24.37
N ARG B 18 21.60 -1.23 24.46
CA ARG B 18 20.71 -1.33 25.62
C ARG B 18 19.52 -2.19 25.22
N ALA B 19 18.82 -2.66 26.24
CA ALA B 19 17.63 -3.48 26.01
C ALA B 19 16.38 -2.61 25.90
N ASP B 20 16.56 -1.30 25.87
CA ASP B 20 15.44 -0.40 25.60
C ASP B 20 15.76 0.51 24.42
N ALA B 21 14.73 1.13 23.87
CA ALA B 21 14.93 2.06 22.79
C ALA B 21 14.81 3.44 23.36
N GLU B 22 15.59 4.37 22.83
CA GLU B 22 15.46 5.76 23.23
C GLU B 22 15.25 6.65 22.00
N MET B 23 14.59 7.78 22.22
CA MET B 23 14.59 8.83 21.21
C MET B 23 15.63 9.89 21.55
N ARG B 24 16.87 9.63 21.12
CA ARG B 24 18.01 10.52 21.35
C ARG B 24 17.89 11.74 20.44
N PRO B 25 18.41 12.88 20.88
CA PRO B 25 18.34 14.08 20.03
C PRO B 25 19.39 14.04 18.90
N ARG B 26 19.10 14.59 17.73
CA ARG B 26 20.10 14.73 16.67
C ARG B 26 21.22 15.68 17.10
N LEU B 27 22.47 15.35 16.79
CA LEU B 27 23.59 16.19 17.22
C LEU B 27 24.34 16.78 16.05
N ASP B 28 23.70 16.78 14.88
CA ASP B 28 24.28 17.25 13.63
C ASP B 28 23.34 18.20 12.89
N PRO B 29 23.90 19.11 12.07
CA PRO B 29 23.06 19.90 11.16
C PRO B 29 22.28 18.96 10.25
N VAL B 30 21.25 19.49 9.59
CA VAL B 30 20.54 18.75 8.57
C VAL B 30 20.99 19.32 7.23
N VAL B 31 20.82 20.64 7.07
CA VAL B 31 21.49 21.39 6.00
C VAL B 31 22.85 21.87 6.53
N HIS B 32 23.95 21.45 5.91
CA HIS B 32 25.30 21.83 6.40
C HIS B 32 25.91 23.02 5.66
N SER B 33 25.07 23.86 5.05
CA SER B 33 25.56 25.06 4.38
C SER B 33 24.73 26.28 4.69
N GLU B 34 25.37 27.44 4.60
CA GLU B 34 24.67 28.71 4.60
C GLU B 34 24.02 28.86 3.25
N TRP B 35 22.77 29.27 3.22
CA TRP B 35 22.12 29.42 1.94
C TRP B 35 22.38 30.79 1.33
N THR B 36 22.61 30.82 0.02
CA THR B 36 22.68 32.07 -0.75
C THR B 36 22.11 31.86 -2.15
N ASN B 37 22.00 32.97 -2.89
CA ASN B 37 21.53 32.96 -4.28
C ASN B 37 22.25 31.95 -5.16
N ASP B 38 23.54 31.77 -4.91
CA ASP B 38 24.35 30.88 -5.74
C ASP B 38 24.20 29.40 -5.37
N ALA B 39 23.10 29.05 -4.72
CA ALA B 39 22.89 27.67 -4.31
C ALA B 39 22.02 26.93 -5.32
N PRO B 40 22.22 25.61 -5.44
CA PRO B 40 21.44 24.83 -6.42
C PRO B 40 19.94 24.81 -6.12
N ILE B 41 19.52 25.03 -4.87
CA ILE B 41 18.09 25.12 -4.57
C ILE B 41 17.70 26.47 -3.94
N SER B 42 16.39 26.73 -3.88
CA SER B 42 15.89 27.98 -3.31
C SER B 42 15.99 27.95 -1.79
N ALA B 43 16.00 29.13 -1.17
CA ALA B 43 16.01 29.23 0.27
C ALA B 43 14.86 28.45 0.91
N ARG B 44 13.66 28.56 0.33
CA ARG B 44 12.51 27.80 0.82
C ARG B 44 12.72 26.30 0.71
N GLN B 45 13.36 25.86 -0.37
CA GLN B 45 13.67 24.45 -0.52
C GLN B 45 14.68 23.94 0.51
N ALA B 46 15.69 24.75 0.81
CA ALA B 46 16.65 24.32 1.84
C ALA B 46 15.94 24.22 3.21
N ALA B 47 15.13 25.23 3.54
CA ALA B 47 14.39 25.23 4.81
C ALA B 47 13.45 24.04 4.91
N ALA B 48 12.89 23.61 3.79
CA ALA B 48 11.96 22.48 3.74
C ALA B 48 12.67 21.18 4.11
N PHE B 49 13.83 20.97 3.50
CA PHE B 49 14.66 19.83 3.78
C PHE B 49 15.07 19.86 5.25
N ASP B 50 15.40 21.05 5.73
CA ASP B 50 15.82 21.21 7.12
C ASP B 50 14.73 20.67 8.02
N ARG B 51 13.56 21.24 7.82
CA ARG B 51 12.35 21.00 8.59
C ARG B 51 11.80 19.59 8.39
N ASP B 52 11.68 19.14 7.15
CA ASP B 52 11.04 17.85 6.83
C ASP B 52 11.98 16.67 6.60
N GLY B 53 13.24 16.93 6.28
CA GLY B 53 14.20 15.86 6.06
C GLY B 53 14.08 15.26 4.68
N TYR B 54 13.36 15.96 3.80
CA TYR B 54 13.24 15.54 2.43
C TYR B 54 12.65 16.67 1.57
N ILE B 55 12.96 16.65 0.27
CA ILE B 55 12.29 17.51 -0.71
C ILE B 55 12.13 16.72 -2.00
N VAL B 56 11.37 17.27 -2.95
CA VAL B 56 11.03 16.59 -4.21
C VAL B 56 11.38 17.53 -5.35
N LEU B 57 11.99 16.98 -6.40
CA LEU B 57 12.41 17.82 -7.53
C LEU B 57 11.77 17.27 -8.78
N GLU B 58 10.96 18.10 -9.42
CA GLU B 58 10.27 17.70 -10.62
C GLU B 58 10.86 18.41 -11.83
N ASP B 59 10.71 17.75 -12.98
CA ASP B 59 11.07 18.31 -14.27
C ASP B 59 12.52 18.77 -14.37
N ILE B 60 13.42 18.04 -13.73
CA ILE B 60 14.84 18.43 -13.80
C ILE B 60 15.60 17.68 -14.90
N PHE B 61 14.96 16.70 -15.52
CA PHE B 61 15.52 15.99 -16.67
C PHE B 61 14.56 16.10 -17.87
N SER B 62 15.09 16.05 -19.08
CA SER B 62 14.26 16.01 -20.27
C SER B 62 13.69 14.60 -20.48
N ALA B 63 12.66 14.51 -21.31
CA ALA B 63 12.03 13.23 -21.59
C ALA B 63 12.95 12.31 -22.37
N ASP B 64 13.85 12.89 -23.17
CA ASP B 64 14.88 12.09 -23.82
C ASP B 64 15.83 11.53 -22.75
N GLU B 65 16.25 12.39 -21.83
CA GLU B 65 17.07 11.99 -20.70
C GLU B 65 16.39 10.92 -19.85
N VAL B 66 15.12 11.15 -19.53
CA VAL B 66 14.34 10.18 -18.75
C VAL B 66 14.23 8.85 -19.50
N ALA B 67 13.84 8.90 -20.77
CA ALA B 67 13.69 7.70 -21.62
C ALA B 67 14.98 6.90 -21.73
N PHE B 68 16.09 7.60 -21.98
CA PHE B 68 17.39 6.96 -21.97
C PHE B 68 17.59 6.22 -20.66
N LEU B 69 17.35 6.92 -19.54
CA LEU B 69 17.52 6.33 -18.22
C LEU B 69 16.72 5.05 -18.02
N GLN B 70 15.44 5.08 -18.39
CA GLN B 70 14.56 3.94 -18.16
C GLN B 70 15.04 2.68 -18.86
N LYS B 71 15.67 2.83 -20.01
CA LYS B 71 16.21 1.69 -20.72
C LYS B 71 17.50 1.16 -20.11
N ALA B 72 18.35 2.06 -19.61
CA ALA B 72 19.51 1.63 -18.84
C ALA B 72 19.11 0.68 -17.71
N ALA B 73 18.08 1.08 -16.94
CA ALA B 73 17.58 0.24 -15.87
C ALA B 73 16.90 -1.01 -16.42
N GLY B 74 16.11 -0.83 -17.47
CA GLY B 74 15.42 -1.93 -18.11
C GLY B 74 16.38 -3.01 -18.61
N ASN B 75 17.51 -2.58 -19.17
CA ASN B 75 18.49 -3.52 -19.71
C ASN B 75 19.29 -4.24 -18.62
N LEU B 76 19.63 -3.54 -17.56
CA LEU B 76 20.36 -4.17 -16.48
C LEU B 76 19.51 -5.24 -15.79
N LEU B 77 18.23 -4.94 -15.67
CA LEU B 77 17.31 -5.82 -14.96
C LEU B 77 16.87 -7.01 -15.83
N ALA B 78 17.18 -6.96 -17.13
CA ALA B 78 16.82 -8.04 -18.05
C ALA B 78 17.98 -8.98 -18.45
N ASP B 79 19.22 -8.62 -18.09
CA ASP B 79 20.39 -9.49 -18.30
C ASP B 79 21.28 -9.55 -17.04
N PRO B 80 20.82 -10.27 -16.00
CA PRO B 80 21.53 -10.31 -14.71
C PRO B 80 22.59 -11.42 -14.58
N ALA B 81 23.17 -11.84 -15.71
CA ALA B 81 24.26 -12.81 -15.70
C ALA B 81 25.53 -12.08 -16.11
N ALA B 82 25.35 -10.83 -16.52
CA ALA B 82 26.44 -9.99 -17.02
C ALA B 82 27.01 -9.11 -15.93
N LEU B 83 26.32 -9.07 -14.80
CA LEU B 83 26.72 -8.23 -13.68
C LEU B 83 27.10 -9.10 -12.49
N ASP B 84 27.73 -8.50 -11.50
CA ASP B 84 28.21 -9.27 -10.35
C ASP B 84 27.05 -9.96 -9.65
N ALA B 85 27.09 -11.29 -9.62
CA ALA B 85 26.07 -12.10 -8.98
C ALA B 85 25.92 -11.75 -7.49
N ASP B 86 26.99 -11.20 -6.93
CA ASP B 86 27.02 -10.79 -5.52
C ASP B 86 26.05 -9.65 -5.26
N THR B 87 25.85 -8.82 -6.28
CA THR B 87 25.10 -7.58 -6.14
C THR B 87 23.62 -7.73 -6.53
N ILE B 88 23.14 -8.95 -6.61
CA ILE B 88 21.73 -9.18 -6.95
C ILE B 88 20.93 -9.70 -5.77
N VAL B 89 19.83 -9.01 -5.46
CA VAL B 89 18.94 -9.44 -4.41
C VAL B 89 17.58 -9.80 -5.00
N THR B 90 17.24 -11.09 -4.87
CA THR B 90 15.92 -11.60 -5.21
C THR B 90 14.97 -11.32 -4.01
N GLU B 91 13.75 -11.87 -4.04
CA GLU B 91 12.86 -11.89 -2.85
C GLU B 91 13.03 -13.21 -2.08
N PRO B 92 14.31 -13.56 -1.74
CA PRO B 92 14.94 -14.87 -1.54
C PRO B 92 14.25 -16.12 -2.11
N GLN B 93 13.04 -16.41 -1.64
CA GLN B 93 12.25 -17.54 -2.14
C GLN B 93 11.64 -17.19 -3.50
N SER B 94 12.51 -16.99 -4.48
CA SER B 94 12.09 -16.51 -5.79
C SER B 94 13.24 -16.51 -6.81
N ASN B 95 13.08 -15.63 -7.80
CA ASN B 95 14.19 -15.10 -8.58
C ASN B 95 13.77 -13.80 -9.26
N GLU B 96 12.58 -13.31 -8.89
CA GLU B 96 12.18 -11.94 -9.19
C GLU B 96 13.13 -10.98 -8.45
N ILE B 97 13.68 -10.00 -9.18
CA ILE B 97 14.67 -9.09 -8.60
C ILE B 97 14.05 -8.03 -7.67
N ARG B 98 14.72 -7.80 -6.55
CA ARG B 98 14.28 -6.80 -5.58
C ARG B 98 15.15 -5.55 -5.68
N SER B 99 16.46 -5.76 -5.76
CA SER B 99 17.43 -4.67 -5.88
C SER B 99 18.63 -5.11 -6.70
N ILE B 100 19.40 -4.12 -7.13
CA ILE B 100 20.68 -4.37 -7.77
C ILE B 100 21.67 -3.32 -7.28
N PHE B 101 22.73 -3.74 -6.60
CA PHE B 101 23.70 -2.81 -5.97
C PHE B 101 24.86 -2.40 -6.89
N GLU B 102 25.55 -1.33 -6.49
CA GLU B 102 26.67 -0.77 -7.25
C GLU B 102 26.30 -0.43 -8.70
N ILE B 103 25.06 -0.01 -8.92
CA ILE B 103 24.61 0.40 -10.25
C ILE B 103 25.33 1.66 -10.78
N HIS B 104 26.00 2.41 -9.91
CA HIS B 104 26.85 3.51 -10.35
C HIS B 104 28.18 2.92 -10.78
N ALA B 105 28.46 1.72 -10.30
CA ALA B 105 29.74 1.08 -10.54
C ALA B 105 29.71 0.17 -11.78
N GLN B 106 28.53 -0.38 -12.07
CA GLN B 106 28.38 -1.28 -13.21
C GLN B 106 27.86 -0.55 -14.47
N SER B 107 26.64 -0.01 -14.39
CA SER B 107 26.07 0.75 -15.51
C SER B 107 26.75 2.11 -15.72
N PRO B 108 27.30 2.34 -16.92
CA PRO B 108 27.87 3.65 -17.25
C PRO B 108 26.83 4.75 -17.15
N VAL B 109 25.63 4.50 -17.70
CA VAL B 109 24.52 5.44 -17.66
C VAL B 109 24.21 5.90 -16.24
N MET B 110 24.17 4.96 -15.31
CA MET B 110 23.91 5.29 -13.92
C MET B 110 25.08 6.04 -13.29
N ALA B 111 26.30 5.58 -13.53
CA ALA B 111 27.50 6.32 -13.14
C ALA B 111 27.46 7.79 -13.62
N ARG B 112 27.00 8.02 -14.84
CA ARG B 112 26.97 9.37 -15.38
C ARG B 112 25.89 10.18 -14.69
N LEU B 113 24.77 9.51 -14.38
CA LEU B 113 23.66 10.11 -13.64
C LEU B 113 24.11 10.65 -12.28
N ALA B 114 24.66 9.76 -11.45
CA ALA B 114 25.17 10.12 -10.13
C ALA B 114 26.13 11.32 -10.17
N ALA B 115 26.96 11.40 -11.21
CA ALA B 115 27.94 12.46 -11.29
C ALA B 115 27.38 13.75 -11.89
N ASP B 116 26.10 13.75 -12.27
CA ASP B 116 25.55 14.93 -12.94
C ASP B 116 25.45 16.07 -11.94
N ALA B 117 25.65 17.28 -12.42
CA ALA B 117 25.62 18.46 -11.56
C ALA B 117 24.29 18.61 -10.83
N ARG B 118 23.20 18.42 -11.56
CA ARG B 118 21.86 18.60 -11.03
C ARG B 118 21.56 17.71 -9.82
N LEU B 119 22.37 16.67 -9.62
CA LEU B 119 22.24 15.86 -8.42
C LEU B 119 23.37 16.16 -7.45
N ALA B 120 24.61 16.03 -7.91
CA ALA B 120 25.77 16.17 -7.05
C ALA B 120 25.90 17.56 -6.42
N ASP B 121 25.64 18.63 -7.18
CA ASP B 121 25.75 19.97 -6.60
C ASP B 121 24.77 20.25 -5.45
N VAL B 122 23.52 19.83 -5.64
CA VAL B 122 22.58 19.79 -4.54
C VAL B 122 23.14 18.96 -3.38
N ALA B 123 23.67 17.78 -3.67
CA ALA B 123 24.31 16.96 -2.65
C ALA B 123 25.45 17.69 -1.93
N ARG B 124 26.32 18.35 -2.69
CA ARG B 124 27.41 19.12 -2.08
C ARG B 124 26.91 20.35 -1.32
N PHE B 125 25.87 21.02 -1.82
CA PHE B 125 25.32 22.15 -1.05
C PHE B 125 24.74 21.73 0.31
N LEU B 126 23.93 20.68 0.32
CA LEU B 126 23.29 20.19 1.53
C LEU B 126 24.27 19.57 2.52
N LEU B 127 25.36 19.04 2.01
CA LEU B 127 26.26 18.30 2.88
C LEU B 127 27.41 19.21 3.19
N GLY B 128 27.41 20.36 2.51
CA GLY B 128 28.49 21.33 2.60
C GLY B 128 29.88 20.70 2.57
N ASP B 129 30.14 19.93 1.52
CA ASP B 129 31.42 19.26 1.37
C ASP B 129 31.48 18.67 -0.02
N GLU B 130 32.60 18.06 -0.37
CA GLU B 130 32.65 17.25 -1.57
C GLU B 130 31.95 15.93 -1.24
N VAL B 131 31.31 15.33 -2.22
CA VAL B 131 30.54 14.11 -2.00
C VAL B 131 31.08 12.88 -2.75
N TYR B 132 30.72 11.69 -2.30
CA TYR B 132 31.05 10.44 -3.01
C TYR B 132 29.97 9.38 -2.78
N ILE B 133 29.79 8.47 -3.72
CA ILE B 133 28.73 7.49 -3.57
C ILE B 133 29.06 6.41 -2.54
N HIS B 134 28.45 6.52 -1.37
CA HIS B 134 28.49 5.52 -0.32
C HIS B 134 27.92 4.20 -0.85
N GLN B 135 26.91 4.30 -1.71
CA GLN B 135 26.10 3.15 -2.12
C GLN B 135 25.11 3.53 -3.24
N SER B 136 24.77 2.57 -4.11
CA SER B 136 23.68 2.75 -5.07
C SER B 136 22.88 1.47 -5.26
N ARG B 137 21.60 1.61 -5.62
CA ARG B 137 20.74 0.45 -5.87
C ARG B 137 19.58 0.77 -6.81
N LEU B 138 19.16 -0.23 -7.58
CA LEU B 138 17.96 -0.11 -8.37
C LEU B 138 16.93 -0.99 -7.71
N ASN B 139 16.09 -0.37 -6.89
CA ASN B 139 15.02 -1.09 -6.22
C ASN B 139 13.83 -1.28 -7.16
N TYR B 140 13.96 -2.23 -8.09
CA TYR B 140 12.89 -2.65 -8.98
C TYR B 140 11.77 -3.33 -8.20
N LYS B 141 10.62 -2.68 -8.04
CA LYS B 141 9.55 -3.32 -7.25
C LYS B 141 8.51 -3.97 -8.14
N PRO B 142 8.62 -5.29 -8.29
CA PRO B 142 7.85 -6.01 -9.32
C PRO B 142 6.36 -5.88 -9.07
N GLY B 143 5.60 -5.75 -10.15
CA GLY B 143 4.16 -5.85 -10.08
C GLY B 143 3.77 -7.23 -9.56
N PHE B 144 2.59 -7.31 -8.92
CA PHE B 144 1.99 -8.56 -8.43
C PHE B 144 2.65 -9.18 -7.20
N LYS B 145 3.99 -9.20 -7.17
CA LYS B 145 4.74 -9.92 -6.16
C LYS B 145 5.78 -9.07 -5.40
N GLY B 146 5.72 -7.76 -5.57
CA GLY B 146 6.63 -6.84 -4.91
C GLY B 146 6.38 -6.79 -3.42
N ARG B 147 7.43 -6.89 -2.63
CA ARG B 147 7.27 -6.94 -1.20
C ARG B 147 7.68 -5.62 -0.54
N GLU B 148 7.21 -5.38 0.68
CA GLU B 148 7.45 -4.10 1.34
C GLU B 148 8.88 -3.89 1.86
N PHE B 149 9.17 -2.66 2.27
CA PHE B 149 10.36 -2.36 3.06
C PHE B 149 9.92 -1.72 4.37
N TYR B 150 9.81 -2.51 5.44
CA TYR B 150 9.52 -1.99 6.79
C TYR B 150 10.34 -0.75 7.18
N TRP B 151 9.82 -0.01 8.15
CA TRP B 151 10.40 1.26 8.55
C TRP B 151 11.81 1.10 9.04
N HIS B 152 12.68 2.02 8.64
CA HIS B 152 14.05 2.03 9.11
C HIS B 152 14.65 3.40 8.85
N SER B 153 15.60 3.76 9.69
CA SER B 153 16.48 4.89 9.40
C SER B 153 17.73 4.35 8.69
N ASP B 154 17.91 4.66 7.42
CA ASP B 154 19.12 4.23 6.71
C ASP B 154 20.40 4.43 7.54
N PHE B 155 20.57 5.63 8.09
CA PHE B 155 21.71 5.96 8.98
C PHE B 155 21.98 5.01 10.17
N GLU B 156 20.94 4.40 10.74
CA GLU B 156 21.10 3.53 11.92
C GLU B 156 21.77 2.23 11.56
N THR B 157 21.73 1.87 10.29
CA THR B 157 22.47 0.70 9.83
C THR B 157 23.85 1.14 9.32
N TRP B 158 23.88 2.21 8.54
CA TRP B 158 25.14 2.76 8.08
C TRP B 158 26.07 3.00 9.25
N HIS B 159 25.50 3.41 10.39
CA HIS B 159 26.29 3.74 11.58
C HIS B 159 26.80 2.50 12.33
N VAL B 160 25.89 1.65 12.78
CA VAL B 160 26.24 0.46 13.55
C VAL B 160 26.99 -0.57 12.71
N GLU B 161 26.59 -0.72 11.45
CA GLU B 161 27.13 -1.76 10.58
C GLU B 161 28.28 -1.38 9.63
N ASP B 162 28.25 -0.16 9.09
CA ASP B 162 29.29 0.30 8.15
C ASP B 162 30.31 1.20 8.84
N GLY B 163 29.91 1.79 9.97
CA GLY B 163 30.78 2.68 10.70
C GLY B 163 30.74 4.12 10.19
N MET B 164 29.58 4.53 9.68
CA MET B 164 29.38 5.94 9.31
C MET B 164 29.23 6.76 10.58
N PRO B 165 30.20 7.64 10.84
CA PRO B 165 30.28 8.26 12.17
C PRO B 165 29.21 9.34 12.43
N ARG B 166 28.91 10.15 11.41
CA ARG B 166 28.13 11.39 11.57
C ARG B 166 26.91 11.46 10.63
N MET B 167 25.91 12.27 10.96
CA MET B 167 24.77 12.48 10.05
C MET B 167 25.12 13.54 8.99
N ARG B 168 25.77 13.11 7.91
CA ARG B 168 26.19 14.04 6.86
C ARG B 168 26.08 13.36 5.48
N ALA B 169 24.92 12.76 5.23
CA ALA B 169 24.67 12.01 4.00
C ALA B 169 23.21 12.08 3.57
N LEU B 170 22.95 11.87 2.29
CA LEU B 170 21.57 11.82 1.83
C LEU B 170 21.35 10.84 0.69
N SER B 171 20.11 10.38 0.59
CA SER B 171 19.70 9.52 -0.50
C SER B 171 18.96 10.33 -1.55
N MET B 172 19.14 9.94 -2.81
CA MET B 172 18.37 10.48 -3.89
C MET B 172 17.70 9.31 -4.58
N SER B 173 16.37 9.31 -4.59
CA SER B 173 15.64 8.33 -5.35
C SER B 173 15.13 8.97 -6.64
N VAL B 174 15.57 8.42 -7.78
CA VAL B 174 15.12 8.86 -9.08
C VAL B 174 14.07 7.89 -9.59
N LEU B 175 12.84 8.36 -9.77
CA LEU B 175 11.76 7.45 -10.16
C LEU B 175 11.83 7.09 -11.65
N LEU B 176 11.84 5.79 -11.94
CA LEU B 176 11.90 5.32 -13.32
C LEU B 176 10.55 4.80 -13.83
N ALA B 177 9.73 4.27 -12.93
CA ALA B 177 8.33 3.99 -13.27
C ALA B 177 7.51 5.09 -12.63
N GLU B 178 6.28 5.30 -13.09
CA GLU B 178 5.38 6.22 -12.39
C GLU B 178 5.05 5.68 -10.99
N ASN B 179 5.21 6.50 -9.96
CA ASN B 179 4.79 6.13 -8.60
C ASN B 179 3.37 6.64 -8.27
N THR B 180 2.37 5.77 -8.41
CA THR B 180 1.00 6.09 -8.04
C THR B 180 0.83 5.75 -6.56
N PRO B 181 -0.30 6.12 -5.94
CA PRO B 181 -0.35 5.77 -4.52
C PRO B 181 -0.58 4.28 -4.30
N HIS B 182 -0.70 3.53 -5.40
CA HIS B 182 -1.07 2.12 -5.32
C HIS B 182 0.07 1.08 -5.42
N ASN B 183 1.14 1.38 -6.13
CA ASN B 183 2.19 0.37 -6.28
C ASN B 183 3.30 0.45 -5.24
N GLY B 184 2.94 0.82 -4.01
CA GLY B 184 3.91 0.86 -2.93
C GLY B 184 5.01 1.91 -3.03
N PRO B 185 4.63 3.20 -3.10
CA PRO B 185 5.68 4.21 -3.18
C PRO B 185 6.39 4.34 -1.84
N LEU B 186 7.56 4.97 -1.85
CA LEU B 186 8.24 5.37 -0.62
C LEU B 186 7.34 6.23 0.32
N MET B 187 7.14 5.78 1.56
CA MET B 187 6.49 6.58 2.58
C MET B 187 7.53 7.13 3.54
N VAL B 188 7.40 8.39 3.93
CA VAL B 188 8.29 8.98 4.93
C VAL B 188 7.50 9.54 6.12
N ILE B 189 8.17 9.65 7.26
CA ILE B 189 7.59 10.33 8.42
C ILE B 189 8.37 11.62 8.54
N PRO B 190 7.77 12.72 8.08
CA PRO B 190 8.48 14.00 7.94
C PRO B 190 8.87 14.54 9.31
N GLY B 191 10.06 15.10 9.44
CA GLY B 191 10.54 15.55 10.72
C GLY B 191 11.22 14.49 11.59
N SER B 192 11.14 13.22 11.21
CA SER B 192 11.67 12.16 12.06
C SER B 192 13.19 12.13 12.06
N HIS B 193 13.80 12.96 11.22
CA HIS B 193 15.25 12.93 11.04
C HIS B 193 15.93 13.63 12.19
N ARG B 194 15.13 14.30 13.01
CA ARG B 194 15.68 15.05 14.15
C ARG B 194 15.63 14.23 15.41
N THR B 195 15.28 12.97 15.26
CA THR B 195 15.27 12.06 16.39
C THR B 195 16.08 10.90 15.95
N TYR B 196 17.00 10.48 16.78
CA TYR B 196 17.71 9.25 16.51
C TYR B 196 17.03 8.20 17.35
N LEU B 197 16.43 7.22 16.69
CA LEU B 197 15.69 6.19 17.40
C LEU B 197 16.55 4.93 17.50
N THR B 198 16.93 4.59 18.72
CA THR B 198 17.82 3.46 18.94
C THR B 198 17.13 2.11 18.82
N CYS B 199 17.92 1.08 18.52
CA CYS B 199 17.43 -0.29 18.49
C CYS B 199 18.32 -1.21 19.33
N GLY B 218 17.63 -4.66 15.40
CA GLY B 218 18.05 -3.74 14.33
C GLY B 218 16.90 -3.04 13.63
N VAL B 219 15.70 -3.34 14.12
CA VAL B 219 14.43 -2.88 13.58
C VAL B 219 13.79 -1.96 14.61
N PRO B 220 13.32 -0.77 14.19
CA PRO B 220 12.58 0.20 15.03
C PRO B 220 11.38 -0.46 15.73
N ASP B 221 11.08 -0.06 16.96
CA ASP B 221 10.01 -0.69 17.75
C ASP B 221 8.65 -0.05 17.49
N GLU B 222 7.62 -0.88 17.43
CA GLU B 222 6.28 -0.39 17.11
C GLU B 222 5.79 0.83 17.94
N GLU B 223 6.07 0.85 19.24
CA GLU B 223 5.60 1.95 20.09
C GLU B 223 6.23 3.26 19.68
N SER B 224 7.55 3.25 19.45
CA SER B 224 8.25 4.44 19.00
C SER B 224 7.74 4.92 17.63
N LEU B 225 7.74 4.02 16.66
CA LEU B 225 7.22 4.33 15.34
C LEU B 225 5.83 4.97 15.45
N ALA B 226 4.99 4.39 16.30
CA ALA B 226 3.66 4.92 16.54
C ALA B 226 3.71 6.38 17.03
N GLU B 227 4.59 6.65 17.97
CA GLU B 227 4.78 7.99 18.50
C GLU B 227 5.19 9.01 17.42
N LEU B 228 6.19 8.66 16.61
CA LEU B 228 6.60 9.51 15.49
C LEU B 228 5.46 9.81 14.51
N ALA B 229 4.86 8.77 13.95
CA ALA B 229 3.81 8.93 12.95
C ALA B 229 2.63 9.74 13.52
N HIS B 230 2.27 9.49 14.77
CA HIS B 230 1.30 10.35 15.45
C HIS B 230 1.79 11.82 15.51
N ARG B 231 3.02 12.04 15.98
CA ARG B 231 3.61 13.38 16.05
C ARG B 231 3.77 14.07 14.69
N HIS B 232 4.01 13.29 13.64
CA HIS B 232 4.40 13.86 12.35
C HIS B 232 3.58 13.42 11.13
N GLY B 233 2.66 12.46 11.29
CA GLY B 233 1.94 11.93 10.15
C GLY B 233 2.84 11.27 9.12
N ILE B 234 2.25 10.83 8.01
CA ILE B 234 2.99 10.09 6.99
C ILE B 234 2.81 10.69 5.60
N VAL B 235 3.90 10.85 4.86
CA VAL B 235 3.77 11.35 3.50
C VAL B 235 4.36 10.34 2.52
N ALA B 236 3.67 10.14 1.40
CA ALA B 236 4.13 9.22 0.37
C ALA B 236 4.17 9.95 -0.96
N PRO B 237 5.26 10.70 -1.21
CA PRO B 237 5.36 11.54 -2.42
C PRO B 237 5.28 10.73 -3.70
N THR B 238 4.42 11.17 -4.63
CA THR B 238 4.26 10.52 -5.93
C THR B 238 4.90 11.36 -7.02
N GLY B 239 4.99 10.83 -8.25
CA GLY B 239 5.64 11.57 -9.32
C GLY B 239 5.88 10.78 -10.61
N LYS B 240 5.98 11.48 -11.73
CA LYS B 240 6.26 10.83 -13.01
C LYS B 240 7.73 10.40 -13.07
N PRO B 241 8.07 9.50 -14.00
CA PRO B 241 9.48 9.14 -14.14
C PRO B 241 10.36 10.37 -14.32
N GLY B 242 11.55 10.34 -13.69
CA GLY B 242 12.45 11.48 -13.72
C GLY B 242 12.33 12.43 -12.54
N THR B 243 11.33 12.18 -11.67
CA THR B 243 11.16 12.91 -10.41
C THR B 243 12.17 12.40 -9.39
N VAL B 244 12.74 13.32 -8.62
CA VAL B 244 13.74 12.92 -7.64
C VAL B 244 13.29 13.23 -6.23
N ILE B 245 13.36 12.23 -5.36
CA ILE B 245 13.17 12.44 -3.95
C ILE B 245 14.49 12.37 -3.17
N LEU B 246 14.80 13.47 -2.50
CA LEU B 246 16.00 13.57 -1.71
C LEU B 246 15.64 13.60 -0.24
N PHE B 247 16.08 12.61 0.51
CA PHE B 247 15.83 12.58 1.94
C PHE B 247 17.12 12.45 2.77
N ASP B 248 17.14 13.11 3.93
CA ASP B 248 18.25 13.05 4.87
C ASP B 248 18.51 11.62 5.29
N CYS B 249 19.77 11.30 5.59
CA CYS B 249 20.13 9.93 5.93
C CYS B 249 19.40 9.36 7.13
N ASN B 250 18.93 10.22 8.03
CA ASN B 250 18.27 9.73 9.25
C ASN B 250 16.70 9.75 9.21
N LEU B 251 16.12 10.09 8.06
CA LEU B 251 14.67 10.12 7.95
C LEU B 251 14.06 8.71 8.08
N MET B 252 13.04 8.55 8.94
CA MET B 252 12.35 7.25 9.05
C MET B 252 11.47 7.04 7.82
N HIS B 253 11.71 5.95 7.08
CA HIS B 253 10.94 5.68 5.86
C HIS B 253 10.78 4.20 5.64
N GLY B 254 9.87 3.86 4.74
CA GLY B 254 9.56 2.49 4.37
C GLY B 254 8.61 2.47 3.19
N SER B 255 8.13 1.29 2.80
CA SER B 255 7.09 1.18 1.77
C SER B 255 6.26 -0.10 1.93
N ASN B 256 5.01 -0.07 1.46
CA ASN B 256 4.16 -1.27 1.42
C ASN B 256 4.49 -2.11 0.20
N GLY B 257 3.93 -3.32 0.15
CA GLY B 257 4.06 -4.18 -1.01
C GLY B 257 3.31 -3.71 -2.24
N ASN B 258 3.53 -4.38 -3.35
CA ASN B 258 2.91 -3.99 -4.60
C ASN B 258 2.26 -5.22 -5.24
N ILE B 259 0.94 -5.26 -5.22
CA ILE B 259 0.22 -6.34 -5.89
C ILE B 259 -0.36 -5.89 -7.22
N THR B 260 -0.23 -4.60 -7.53
CA THR B 260 -0.72 -4.10 -8.80
C THR B 260 0.11 -4.68 -9.95
N PRO B 261 -0.41 -4.59 -11.20
CA PRO B 261 0.36 -4.91 -12.42
C PRO B 261 1.42 -3.86 -12.76
N PHE B 262 1.55 -2.84 -11.93
CA PHE B 262 2.49 -1.76 -12.21
C PHE B 262 3.78 -1.93 -11.39
N PRO B 263 4.90 -2.23 -12.06
CA PRO B 263 6.20 -2.31 -11.40
C PRO B 263 6.67 -0.92 -10.97
N ARG B 264 7.42 -0.82 -9.89
CA ARG B 264 7.89 0.49 -9.44
C ARG B 264 9.42 0.55 -9.37
N ALA B 265 10.10 0.77 -10.49
CA ALA B 265 11.57 0.77 -10.47
C ALA B 265 12.19 2.14 -10.12
N ASN B 266 12.88 2.20 -8.98
CA ASN B 266 13.51 3.45 -8.51
C ASN B 266 15.02 3.36 -8.20
N ALA B 267 15.84 4.04 -8.99
CA ALA B 267 17.28 4.15 -8.72
C ALA B 267 17.60 4.89 -7.40
N PHE B 268 18.42 4.31 -6.52
CA PHE B 268 18.83 5.01 -5.28
C PHE B 268 20.31 5.37 -5.27
N LEU B 269 20.61 6.62 -4.95
CA LEU B 269 21.99 7.08 -4.85
C LEU B 269 22.24 7.69 -3.49
N VAL B 270 23.16 7.09 -2.73
CA VAL B 270 23.53 7.65 -1.45
C VAL B 270 24.78 8.52 -1.55
N TYR B 271 24.60 9.82 -1.42
CA TYR B 271 25.73 10.74 -1.37
C TYR B 271 26.23 10.83 0.07
N ASN B 272 27.54 10.67 0.26
CA ASN B 272 28.15 10.89 1.57
C ASN B 272 29.21 11.97 1.46
N ALA B 273 29.36 12.79 2.50
CA ALA B 273 30.41 13.80 2.49
C ALA B 273 31.76 13.13 2.72
N VAL B 274 32.81 13.63 2.07
CA VAL B 274 34.11 12.96 2.15
C VAL B 274 34.71 13.10 3.52
N SER B 275 34.34 14.17 4.23
CA SER B 275 34.77 14.33 5.61
C SER B 275 34.21 13.19 6.42
N ASN B 276 33.12 12.61 5.94
CA ASN B 276 32.38 11.67 6.74
C ASN B 276 32.68 10.25 6.28
N ARG B 277 33.95 10.02 5.95
CA ARG B 277 34.41 8.69 5.55
C ARG B 277 34.25 7.69 6.70
N LEU B 278 34.01 6.44 6.33
CA LEU B 278 33.68 5.37 7.26
C LEU B 278 34.86 4.96 8.13
N GLU B 279 34.64 4.98 9.44
CA GLU B 279 35.55 4.42 10.43
C GLU B 279 35.09 2.99 10.64
N LYS B 280 35.61 2.30 11.66
CA LYS B 280 35.13 0.95 11.97
C LYS B 280 33.66 0.93 12.41
N PRO B 281 32.91 -0.14 12.07
CA PRO B 281 31.51 -0.30 12.48
C PRO B 281 31.32 -0.09 13.96
N PHE B 282 30.51 0.90 14.35
CA PHE B 282 30.17 1.10 15.74
C PHE B 282 29.28 -0.04 16.28
N GLY B 283 29.67 -1.27 16.05
CA GLY B 283 29.00 -2.43 16.61
C GLY B 283 29.93 -3.62 16.49
N VAL B 284 29.34 -4.79 16.33
CA VAL B 284 30.15 -5.97 16.02
C VAL B 284 29.89 -6.38 14.57
N GLU B 285 29.76 -7.69 14.33
CA GLU B 285 29.61 -8.27 12.98
C GLU B 285 30.48 -7.59 11.89
N LYS B 286 31.55 -6.93 12.32
CA LYS B 286 32.37 -6.07 11.46
C LYS B 286 33.23 -6.91 10.53
N PRO B 287 33.31 -6.54 9.25
CA PRO B 287 32.60 -5.41 8.67
C PRO B 287 31.45 -5.92 7.77
N ARG B 288 31.21 -5.23 6.65
CA ARG B 288 30.04 -5.50 5.81
C ARG B 288 30.41 -5.56 4.32
N PRO B 289 29.76 -6.45 3.55
CA PRO B 289 30.00 -6.65 2.12
C PRO B 289 30.25 -5.36 1.32
N TRP B 290 31.14 -5.44 0.34
CA TRP B 290 31.76 -4.28 -0.33
C TRP B 290 30.81 -3.39 -1.14
N PHE B 291 29.71 -3.99 -1.58
CA PHE B 291 28.74 -3.28 -2.41
C PHE B 291 27.70 -2.56 -1.55
N LEU B 292 27.48 -3.06 -0.34
CA LEU B 292 26.59 -2.41 0.61
C LEU B 292 27.16 -1.08 1.08
N ALA B 293 28.48 -0.98 1.14
CA ALA B 293 29.10 0.21 1.71
C ALA B 293 30.52 0.39 1.22
N ARG B 294 30.82 1.58 0.71
CA ARG B 294 32.14 1.89 0.18
C ARG B 294 33.14 2.26 1.26
N ARG B 295 34.21 1.48 1.35
CA ARG B 295 35.32 1.75 2.26
C ARG B 295 36.58 2.10 1.46
N GLY B 296 37.48 2.90 2.03
CA GLY B 296 37.24 3.64 3.26
C GLY B 296 37.74 5.07 3.01
N GLU B 297 38.67 5.17 2.05
CA GLU B 297 39.22 6.44 1.55
C GLU B 297 38.56 6.81 0.22
N PRO B 298 37.70 7.84 0.26
CA PRO B 298 36.96 8.27 -0.93
C PRO B 298 37.64 9.42 -1.66
N ALA B 299 37.47 9.46 -2.96
CA ALA B 299 37.91 10.62 -3.72
C ALA B 299 36.72 11.51 -3.95
N ALA B 300 36.94 12.82 -3.99
CA ALA B 300 35.90 13.76 -4.37
C ALA B 300 35.32 13.36 -5.73
N LEU B 301 34.00 13.39 -5.83
CA LEU B 301 33.33 13.06 -7.08
C LEU B 301 33.66 14.15 -8.09
N ARG B 302 33.84 13.76 -9.34
CA ARG B 302 34.06 14.74 -10.41
C ARG B 302 32.69 15.08 -10.98
N VAL B 303 32.26 16.32 -10.80
CA VAL B 303 30.91 16.70 -11.21
C VAL B 303 30.82 16.97 -12.72
N GLU B 304 30.00 16.16 -13.40
CA GLU B 304 29.76 16.33 -14.83
C GLU B 304 28.59 17.26 -15.10
N ARG B 305 28.87 18.40 -15.73
CA ARG B 305 27.83 19.30 -16.18
C ARG B 305 27.42 19.00 -17.63
N GLY B 306 26.17 18.64 -17.85
CA GLY B 306 25.67 18.38 -19.20
C GLY B 306 24.48 17.44 -19.21
N PRO B 307 23.92 17.18 -20.40
CA PRO B 307 22.82 16.21 -20.54
C PRO B 307 23.32 14.76 -20.46
N LEU B 308 22.51 13.82 -20.94
CA LEU B 308 22.83 12.40 -20.81
C LEU B 308 22.77 11.65 -22.16
N VAL B 309 22.31 12.35 -23.20
CA VAL B 309 22.05 11.77 -24.53
C VAL B 309 21.01 10.64 -24.44
#